data_4QGW
#
_entry.id   4QGW
#
_cell.length_a   34.711
_cell.length_b   37.457
_cell.length_c   60.066
_cell.angle_alpha   105.49
_cell.angle_beta   105.56
_cell.angle_gamma   90.56
#
_symmetry.space_group_name_H-M   'P 1'
#
loop_
_entity.id
_entity.type
_entity.pdbx_description
1 polymer 'Cellular retinoic acid-binding protein 2'
2 non-polymer (2E,4E,6E)-3-methyl-6-(1,3,3-trimethyl-1,3-dihydro-2H-indol-2-ylidene)hexa-2,4-dienal
3 non-polymer 2-[3-(2-HYDROXY-1,1-DIHYDROXYMETHYL-ETHYLAMINO)-PROPYLAMINO]-2-HYDROXYMETHYL-PROPANE-1,3-DIOL
4 water water
#
_entity_poly.entity_id   1
_entity_poly.type   'polypeptide(L)'
_entity_poly.pdbx_seq_one_letter_code
;PNFSGNWKIIRSENFEELLKVLGVNVMLRKIAVAAASKPAVEIKQEGDTFYIKTSTTVRTTEINFKVGEEFEEQTVDGRP
CKSLVKWESENKMVCEQKLLKGEGPKTSWTLELTNDGELIDTMTADDVVCTKVYVRE
;
_entity_poly.pdbx_strand_id   A,B
#
# COMPACT_ATOMS: atom_id res chain seq x y z
N PRO A 1 -6.88 -0.53 23.10
CA PRO A 1 -6.49 0.49 24.08
C PRO A 1 -6.68 1.92 23.57
N ASN A 2 -6.16 2.89 24.34
CA ASN A 2 -6.58 4.28 24.19
C ASN A 2 -5.44 5.21 23.80
N PHE A 3 -5.56 5.79 22.62
CA PHE A 3 -4.52 6.69 22.11
C PHE A 3 -4.62 8.11 22.66
N SER A 4 -5.69 8.40 23.42
CA SER A 4 -5.91 9.75 23.93
CA SER A 4 -5.89 9.76 23.89
C SER A 4 -4.78 10.22 24.83
N GLY A 5 -4.47 11.50 24.75
CA GLY A 5 -3.44 12.05 25.60
C GLY A 5 -2.77 13.25 25.01
N ASN A 6 -1.96 13.90 25.83
CA ASN A 6 -1.04 14.93 25.38
C ASN A 6 0.35 14.31 25.32
N TRP A 7 0.83 14.14 24.09
CA TRP A 7 2.06 13.43 23.78
C TRP A 7 3.25 14.37 23.55
N LYS A 8 4.39 14.05 24.15
CA LYS A 8 5.60 14.84 23.92
C LYS A 8 6.68 13.96 23.33
N ILE A 9 7.44 14.53 22.40
CA ILE A 9 8.41 13.75 21.63
C ILE A 9 9.65 13.43 22.45
N ILE A 10 10.05 12.16 22.41
CA ILE A 10 11.24 11.72 23.12
C ILE A 10 12.27 11.11 22.18
N ARG A 11 11.84 10.69 20.99
CA ARG A 11 12.79 10.21 19.99
C ARG A 11 12.33 10.69 18.61
N SER A 12 13.29 11.00 17.75
CA SER A 12 13.03 11.34 16.36
C SER A 12 14.18 10.86 15.52
N GLU A 13 13.87 10.04 14.52
CA GLU A 13 14.93 9.45 13.70
C GLU A 13 14.62 9.59 12.22
N ASN A 14 15.55 10.24 11.50
CA ASN A 14 15.53 10.32 10.04
C ASN A 14 14.52 11.34 9.46
N PHE A 15 14.13 12.34 10.23
CA PHE A 15 13.12 13.28 9.75
C PHE A 15 13.63 14.19 8.63
N GLU A 16 14.85 14.68 8.75
CA GLU A 16 15.39 15.53 7.68
C GLU A 16 15.42 14.80 6.33
N GLU A 17 15.77 13.52 6.35
CA GLU A 17 15.84 12.71 5.15
C GLU A 17 14.47 12.44 4.50
N LEU A 18 13.44 12.27 5.32
CA LEU A 18 12.09 12.14 4.78
C LEU A 18 11.76 13.41 3.98
N LEU A 19 12.11 14.56 4.55
CA LEU A 19 11.86 15.85 3.91
C LEU A 19 12.55 15.95 2.55
N LYS A 20 13.76 15.42 2.44
CA LYS A 20 14.47 15.46 1.16
C LYS A 20 13.77 14.63 0.07
N VAL A 21 13.30 13.44 0.43
CA VAL A 21 12.60 12.59 -0.52
C VAL A 21 11.29 13.24 -0.99
N LEU A 22 10.71 14.06 -0.13
CA LEU A 22 9.49 14.80 -0.47
C LEU A 22 9.78 16.03 -1.31
N GLY A 23 11.07 16.34 -1.45
CA GLY A 23 11.48 17.49 -2.24
C GLY A 23 11.44 18.83 -1.53
N VAL A 24 11.37 18.83 -0.20
CA VAL A 24 11.38 20.11 0.54
C VAL A 24 12.76 20.78 0.41
N ASN A 25 12.78 22.03 -0.07
CA ASN A 25 14.06 22.68 -0.30
C ASN A 25 14.78 22.99 1.01
N VAL A 26 16.10 23.14 0.93
CA VAL A 26 16.97 23.16 2.11
C VAL A 26 16.65 24.30 3.08
N MET A 27 16.16 25.43 2.56
CA MET A 27 15.86 26.57 3.43
C MET A 27 14.73 26.22 4.39
N LEU A 28 13.69 25.62 3.84
CA LEU A 28 12.54 25.18 4.63
C LEU A 28 12.90 24.03 5.56
N ARG A 29 13.80 23.15 5.14
CA ARG A 29 14.21 22.00 5.95
C ARG A 29 14.88 22.44 7.24
N LYS A 30 15.73 23.46 7.17
CA LYS A 30 16.44 23.93 8.36
C LYS A 30 15.45 24.45 9.40
N ILE A 31 14.47 25.22 8.93
CA ILE A 31 13.38 25.70 9.78
C ILE A 31 12.60 24.54 10.36
N ALA A 32 12.26 23.58 9.51
CA ALA A 32 11.39 22.48 9.86
C ALA A 32 12.00 21.50 10.86
N VAL A 33 13.33 21.45 10.91
CA VAL A 33 13.99 20.49 11.79
C VAL A 33 14.55 21.18 13.02
N ALA A 34 14.30 22.49 13.11
CA ALA A 34 14.74 23.28 14.26
C ALA A 34 13.83 23.04 15.47
N ALA A 35 14.36 23.34 16.66
CA ALA A 35 13.64 23.09 17.91
C ALA A 35 12.30 23.83 17.98
N ALA A 36 12.23 24.98 17.32
CA ALA A 36 10.99 25.75 17.25
C ALA A 36 9.89 24.96 16.54
N SER A 37 10.29 23.96 15.75
CA SER A 37 9.36 23.11 15.00
C SER A 37 9.10 21.78 15.71
N LYS A 38 9.62 21.62 16.92
CA LYS A 38 9.42 20.37 17.67
C LYS A 38 7.92 20.07 17.85
N PRO A 39 7.46 18.87 17.46
CA PRO A 39 6.00 18.69 17.54
C PRO A 39 5.50 18.21 18.90
N ALA A 40 4.32 18.70 19.25
CA ALA A 40 3.55 18.16 20.35
C ALA A 40 2.24 17.60 19.76
N VAL A 41 1.82 16.44 20.22
CA VAL A 41 0.63 15.82 19.65
C VAL A 41 -0.45 15.61 20.71
N GLU A 42 -1.63 16.19 20.46
CA GLU A 42 -2.80 15.95 21.29
C GLU A 42 -3.76 15.02 20.57
N ILE A 43 -4.10 13.90 21.21
CA ILE A 43 -5.10 12.98 20.67
C ILE A 43 -6.33 12.84 21.55
N LYS A 44 -7.50 12.91 20.93
CA LYS A 44 -8.74 12.51 21.58
C LYS A 44 -9.37 11.38 20.79
N GLN A 45 -9.42 10.20 21.39
CA GLN A 45 -10.02 9.04 20.74
C GLN A 45 -11.34 8.68 21.39
N GLU A 46 -12.37 8.45 20.58
CA GLU A 46 -13.60 7.82 21.03
C GLU A 46 -13.97 6.68 20.07
N GLY A 47 -13.64 5.45 20.47
CA GLY A 47 -13.84 4.31 19.61
C GLY A 47 -12.98 4.46 18.36
N ASP A 48 -13.58 4.37 17.18
CA ASP A 48 -12.84 4.54 15.94
C ASP A 48 -12.73 5.99 15.49
N THR A 49 -13.24 6.91 16.29
CA THR A 49 -13.23 8.32 15.91
C THR A 49 -12.06 9.06 16.58
N PHE A 50 -11.27 9.76 15.78
CA PHE A 50 -10.05 10.42 16.25
C PHE A 50 -10.01 11.92 15.96
N TYR A 51 -9.51 12.68 16.93
CA TYR A 51 -9.08 14.04 16.70
C TYR A 51 -7.60 14.07 17.06
N ILE A 52 -6.78 14.54 16.14
CA ILE A 52 -5.34 14.64 16.39
C ILE A 52 -4.85 16.04 16.05
N LYS A 53 -4.35 16.75 17.07
CA LYS A 53 -3.78 18.05 16.84
C LYS A 53 -2.28 17.98 16.98
N THR A 54 -1.58 18.48 15.96
CA THR A 54 -0.13 18.50 15.97
C THR A 54 0.33 19.95 15.96
N SER A 55 1.03 20.36 17.00
CA SER A 55 1.44 21.75 17.16
CA SER A 55 1.45 21.75 17.09
C SER A 55 2.93 21.89 17.35
N THR A 56 3.47 23.00 16.87
CA THR A 56 4.83 23.43 17.16
C THR A 56 4.72 24.83 17.76
N THR A 57 5.85 25.51 17.91
CA THR A 57 5.84 26.86 18.45
C THR A 57 5.13 27.84 17.52
N VAL A 58 5.12 27.55 16.22
CA VAL A 58 4.58 28.50 15.24
C VAL A 58 3.39 27.96 14.43
N ARG A 59 3.12 26.67 14.52
CA ARG A 59 2.10 26.06 13.67
C ARG A 59 1.18 25.15 14.44
N THR A 60 -0.04 24.99 13.93
CA THR A 60 -0.96 24.06 14.56
C THR A 60 -1.83 23.48 13.45
N THR A 61 -2.02 22.17 13.50
CA THR A 61 -2.84 21.49 12.49
C THR A 61 -3.68 20.42 13.18
N GLU A 62 -4.94 20.35 12.79
CA GLU A 62 -5.90 19.43 13.39
C GLU A 62 -6.43 18.50 12.31
N ILE A 63 -6.38 17.20 12.56
CA ILE A 63 -7.16 16.28 11.74
C ILE A 63 -8.27 15.58 12.52
N ASN A 64 -9.37 15.34 11.82
CA ASN A 64 -10.48 14.61 12.38
C ASN A 64 -10.82 13.46 11.44
N PHE A 65 -10.86 12.24 11.95
CA PHE A 65 -11.16 11.12 11.07
C PHE A 65 -11.82 9.97 11.83
N LYS A 66 -12.51 9.12 11.10
CA LYS A 66 -12.94 7.84 11.66
C LYS A 66 -12.28 6.74 10.87
N VAL A 67 -11.82 5.69 11.55
CA VAL A 67 -11.18 4.57 10.88
C VAL A 67 -12.13 4.04 9.81
N GLY A 68 -11.62 3.89 8.59
CA GLY A 68 -12.37 3.32 7.49
C GLY A 68 -13.10 4.34 6.64
N GLU A 69 -13.01 5.61 7.02
CA GLU A 69 -13.71 6.67 6.27
C GLU A 69 -12.70 7.65 5.71
N GLU A 70 -12.81 7.96 4.43
CA GLU A 70 -11.84 8.85 3.80
C GLU A 70 -11.93 10.27 4.32
N PHE A 71 -10.77 10.90 4.48
CA PHE A 71 -10.70 12.31 4.88
C PHE A 71 -9.57 13.03 4.18
N GLU A 72 -9.60 14.36 4.22
CA GLU A 72 -8.56 15.16 3.58
C GLU A 72 -7.60 15.68 4.62
N GLU A 73 -6.32 15.63 4.31
CA GLU A 73 -5.28 16.26 5.11
C GLU A 73 -4.19 16.71 4.16
N GLN A 74 -2.96 16.83 4.65
CA GLN A 74 -1.83 17.21 3.82
C GLN A 74 -0.72 16.21 3.98
N THR A 75 0.09 16.03 2.95
CA THR A 75 1.30 15.23 3.09
C THR A 75 2.26 16.00 4.00
N VAL A 76 3.35 15.35 4.38
CA VAL A 76 4.31 15.97 5.31
CA VAL A 76 4.28 15.98 5.30
C VAL A 76 4.81 17.28 4.70
N ASP A 77 5.01 17.27 3.39
CA ASP A 77 5.46 18.47 2.68
C ASP A 77 4.33 19.44 2.28
N GLY A 78 3.12 19.18 2.76
CA GLY A 78 2.03 20.14 2.65
C GLY A 78 1.15 20.04 1.42
N ARG A 79 1.25 18.95 0.68
CA ARG A 79 0.36 18.74 -0.46
C ARG A 79 -0.95 18.08 -0.01
N PRO A 80 -2.09 18.62 -0.46
CA PRO A 80 -3.40 18.05 -0.12
C PRO A 80 -3.47 16.60 -0.57
N CYS A 81 -3.98 15.73 0.30
CA CYS A 81 -4.16 14.34 -0.05
C CYS A 81 -5.45 13.81 0.53
N LYS A 82 -5.97 12.75 -0.09
CA LYS A 82 -7.04 11.97 0.51
C LYS A 82 -6.40 10.84 1.29
N SER A 83 -6.84 10.68 2.54
CA SER A 83 -6.25 9.69 3.44
C SER A 83 -7.31 8.69 3.89
N LEU A 84 -6.88 7.49 4.22
CA LEU A 84 -7.77 6.47 4.74
C LEU A 84 -7.01 5.64 5.76
N VAL A 85 -7.55 5.56 6.97
CA VAL A 85 -6.91 4.85 8.06
C VAL A 85 -7.60 3.50 8.26
N LYS A 86 -6.81 2.44 8.43
CA LYS A 86 -7.35 1.15 8.82
C LYS A 86 -6.58 0.61 10.03
N TRP A 87 -7.25 -0.23 10.82
CA TRP A 87 -6.55 -0.95 11.88
C TRP A 87 -5.73 -2.08 11.29
N GLU A 88 -4.42 -2.06 11.57
CA GLU A 88 -3.59 -3.20 11.22
C GLU A 88 -3.66 -4.22 12.34
N SER A 89 -3.70 -3.72 13.56
CA SER A 89 -3.92 -4.56 14.72
C SER A 89 -4.70 -3.76 15.75
N GLU A 90 -4.89 -4.37 16.92
CA GLU A 90 -5.60 -3.75 18.03
C GLU A 90 -4.95 -2.44 18.44
N ASN A 91 -3.63 -2.37 18.30
CA ASN A 91 -2.88 -1.24 18.82
C ASN A 91 -2.18 -0.40 17.74
N LYS A 92 -2.52 -0.64 16.48
CA LYS A 92 -1.79 0.01 15.40
C LYS A 92 -2.70 0.36 14.22
N MET A 93 -2.68 1.63 13.84
CA MET A 93 -3.44 2.07 12.67
CA MET A 93 -3.43 2.09 12.68
C MET A 93 -2.49 2.43 11.54
N VAL A 94 -2.94 2.28 10.30
CA VAL A 94 -2.11 2.61 9.16
C VAL A 94 -2.89 3.46 8.20
N CYS A 95 -2.25 4.50 7.68
CA CYS A 95 -2.94 5.45 6.83
C CYS A 95 -2.31 5.50 5.47
N GLU A 96 -3.07 5.19 4.43
CA GLU A 96 -2.60 5.41 3.07
C GLU A 96 -3.06 6.74 2.52
N GLN A 97 -2.17 7.40 1.81
CA GLN A 97 -2.46 8.74 1.28
C GLN A 97 -2.36 8.71 -0.24
N LYS A 98 -3.23 9.47 -0.89
CA LYS A 98 -3.19 9.66 -2.33
C LYS A 98 -3.28 11.15 -2.64
N LEU A 99 -2.36 11.66 -3.46
CA LEU A 99 -2.35 13.10 -3.73
C LEU A 99 -3.64 13.49 -4.44
N LEU A 100 -4.21 14.64 -4.08
CA LEU A 100 -5.40 15.18 -4.75
C LEU A 100 -5.05 15.70 -6.16
N LYS A 101 -3.83 16.19 -6.31
CA LYS A 101 -3.37 16.73 -7.58
C LYS A 101 -1.90 16.38 -7.80
N GLY A 102 -1.55 16.07 -9.05
CA GLY A 102 -0.16 15.83 -9.40
C GLY A 102 0.38 14.47 -8.99
N GLU A 103 1.69 14.31 -9.11
CA GLU A 103 2.35 13.04 -8.80
C GLU A 103 3.42 13.28 -7.73
N GLY A 104 3.91 12.20 -7.13
CA GLY A 104 4.90 12.32 -6.09
C GLY A 104 5.21 11.01 -5.41
N PRO A 105 6.07 11.06 -4.38
CA PRO A 105 6.47 9.84 -3.68
C PRO A 105 5.25 9.19 -3.07
N LYS A 106 5.29 7.87 -2.92
CA LYS A 106 4.23 7.18 -2.24
C LYS A 106 4.39 7.46 -0.75
N THR A 107 3.36 8.00 -0.11
CA THR A 107 3.48 8.35 1.31
C THR A 107 2.44 7.64 2.16
N SER A 108 2.77 7.44 3.43
CA SER A 108 1.86 6.80 4.37
C SER A 108 2.32 7.16 5.78
N TRP A 109 1.48 6.86 6.75
CA TRP A 109 1.91 6.94 8.15
C TRP A 109 1.25 5.87 9.00
N THR A 110 1.90 5.50 10.10
CA THR A 110 1.31 4.55 11.03
C THR A 110 1.43 5.11 12.43
N LEU A 111 0.47 4.79 13.27
CA LEU A 111 0.55 5.14 14.68
C LEU A 111 0.30 3.89 15.48
N GLU A 112 1.14 3.64 16.45
CA GLU A 112 0.93 2.48 17.31
C GLU A 112 1.30 2.78 18.75
N LEU A 113 0.63 2.07 19.65
CA LEU A 113 0.81 2.28 21.08
C LEU A 113 1.43 1.03 21.62
N THR A 114 2.54 1.16 22.34
CA THR A 114 3.19 -0.01 22.94
C THR A 114 2.54 -0.33 24.27
N ASN A 115 2.82 -1.52 24.80
CA ASN A 115 2.32 -1.90 26.12
C ASN A 115 2.83 -1.00 27.23
N ASP A 116 4.02 -0.42 27.05
CA ASP A 116 4.61 0.48 28.02
C ASP A 116 4.22 1.94 27.79
N GLY A 117 3.21 2.15 26.96
CA GLY A 117 2.62 3.47 26.78
C GLY A 117 3.39 4.46 25.91
N GLU A 118 4.24 3.96 25.02
CA GLU A 118 4.89 4.84 24.06
C GLU A 118 4.01 4.93 22.82
N LEU A 119 3.99 6.11 22.20
CA LEU A 119 3.30 6.26 20.93
C LEU A 119 4.36 6.33 19.84
N ILE A 120 4.27 5.43 18.88
CA ILE A 120 5.23 5.40 17.78
C ILE A 120 4.55 5.87 16.50
N ASP A 121 5.06 6.96 15.94
CA ASP A 121 4.56 7.51 14.69
C ASP A 121 5.58 7.24 13.61
N THR A 122 5.21 6.49 12.59
CA THR A 122 6.15 6.29 11.49
CA THR A 122 6.12 6.23 11.49
C THR A 122 5.58 6.88 10.21
N MET A 123 6.46 7.53 9.47
CA MET A 123 6.07 8.11 8.21
CA MET A 123 6.11 8.17 8.22
C MET A 123 7.02 7.61 7.14
N THR A 124 6.45 7.35 5.97
CA THR A 124 7.21 6.79 4.87
CA THR A 124 7.23 6.83 4.86
C THR A 124 6.98 7.63 3.61
N ALA A 125 8.04 7.77 2.81
CA ALA A 125 7.98 8.39 1.49
C ALA A 125 8.88 7.50 0.66
N ASP A 126 8.28 6.76 -0.29
CA ASP A 126 9.03 5.75 -1.03
C ASP A 126 9.81 4.80 -0.11
N ASP A 127 11.15 4.87 -0.15
CA ASP A 127 11.97 3.89 0.57
C ASP A 127 12.59 4.46 1.84
N VAL A 128 12.11 5.62 2.26
CA VAL A 128 12.66 6.28 3.43
C VAL A 128 11.63 6.27 4.54
N VAL A 129 12.07 5.94 5.74
CA VAL A 129 11.19 5.84 6.90
C VAL A 129 11.68 6.74 8.02
N CYS A 130 10.76 7.52 8.57
CA CYS A 130 11.06 8.37 9.71
C CYS A 130 10.23 7.84 10.87
N THR A 131 10.85 7.72 12.05
CA THR A 131 10.14 7.28 13.24
C THR A 131 10.23 8.32 14.35
N LYS A 132 9.08 8.68 14.91
CA LYS A 132 9.03 9.55 16.08
C LYS A 132 8.35 8.80 17.21
N VAL A 133 8.86 8.99 18.42
CA VAL A 133 8.31 8.31 19.58
C VAL A 133 7.93 9.35 20.60
N TYR A 134 6.73 9.19 21.17
CA TYR A 134 6.20 10.12 22.16
C TYR A 134 5.84 9.39 23.45
N VAL A 135 5.78 10.13 24.55
CA VAL A 135 5.22 9.63 25.80
C VAL A 135 4.21 10.64 26.30
N ARG A 136 3.29 10.20 27.16
CA ARG A 136 2.28 11.09 27.70
C ARG A 136 2.84 12.00 28.78
N GLU A 137 2.62 13.29 28.66
CA GLU A 137 2.86 14.17 29.80
C GLU A 137 1.73 13.96 30.81
N PRO B 1 9.10 -18.40 -26.16
CA PRO B 1 7.97 -17.71 -25.53
C PRO B 1 8.22 -16.21 -25.39
N ASN B 2 7.33 -15.40 -25.96
CA ASN B 2 7.54 -13.96 -25.98
C ASN B 2 6.38 -13.12 -25.44
N PHE B 3 6.42 -12.83 -24.15
CA PHE B 3 5.32 -12.15 -23.46
C PHE B 3 5.38 -10.62 -23.54
N SER B 4 6.51 -10.08 -24.02
CA SER B 4 6.72 -8.63 -24.03
C SER B 4 5.64 -7.85 -24.77
N GLY B 5 5.22 -6.73 -24.19
CA GLY B 5 4.23 -5.88 -24.82
C GLY B 5 3.30 -5.17 -23.85
N ASN B 6 2.33 -4.45 -24.42
CA ASN B 6 1.28 -3.79 -23.67
C ASN B 6 -0.02 -4.50 -23.97
N TRP B 7 -0.63 -5.06 -22.94
CA TRP B 7 -1.77 -5.94 -23.13
C TRP B 7 -3.06 -5.27 -22.67
N LYS B 8 -4.11 -5.40 -23.48
CA LYS B 8 -5.37 -4.80 -23.09
C LYS B 8 -6.45 -5.87 -22.96
N ILE B 9 -7.28 -5.72 -21.94
CA ILE B 9 -8.22 -6.76 -21.59
C ILE B 9 -9.38 -6.83 -22.58
N ILE B 10 -9.80 -8.05 -22.90
CA ILE B 10 -10.96 -8.23 -23.76
C ILE B 10 -12.08 -8.98 -23.04
N ARG B 11 -11.73 -9.74 -21.99
CA ARG B 11 -12.74 -10.33 -21.13
C ARG B 11 -12.22 -10.67 -19.74
N SER B 12 -13.14 -10.72 -18.79
CA SER B 12 -12.83 -10.99 -17.39
C SER B 12 -13.98 -11.79 -16.79
N GLU B 13 -13.66 -12.79 -15.98
CA GLU B 13 -14.74 -13.50 -15.28
C GLU B 13 -14.31 -13.91 -13.88
N ASN B 14 -15.27 -13.92 -12.97
CA ASN B 14 -15.07 -14.39 -11.59
C ASN B 14 -14.15 -13.59 -10.68
N PHE B 15 -13.86 -12.35 -11.03
CA PHE B 15 -12.98 -11.56 -10.18
C PHE B 15 -13.63 -11.35 -8.82
N GLU B 16 -14.89 -10.91 -8.80
CA GLU B 16 -15.53 -10.67 -7.50
C GLU B 16 -15.69 -11.97 -6.71
N GLU B 17 -16.01 -13.05 -7.42
CA GLU B 17 -16.21 -14.35 -6.80
C GLU B 17 -14.93 -14.86 -6.11
N LEU B 18 -13.77 -14.59 -6.72
CA LEU B 18 -12.48 -14.92 -6.15
C LEU B 18 -12.26 -14.16 -4.85
N LEU B 19 -12.56 -12.86 -4.86
CA LEU B 19 -12.41 -12.04 -3.66
C LEU B 19 -13.35 -12.50 -2.56
N LYS B 20 -14.53 -12.90 -2.97
CA LYS B 20 -15.58 -13.28 -2.04
C LYS B 20 -15.14 -14.52 -1.28
N VAL B 21 -14.59 -15.49 -2.00
CA VAL B 21 -14.17 -16.75 -1.38
C VAL B 21 -12.94 -16.56 -0.49
N LEU B 22 -12.25 -15.43 -0.65
CA LEU B 22 -11.10 -15.11 0.18
C LEU B 22 -11.55 -14.34 1.43
N GLY B 23 -12.83 -14.04 1.51
CA GLY B 23 -13.39 -13.42 2.70
C GLY B 23 -13.39 -11.90 2.67
N VAL B 24 -13.18 -11.32 1.49
CA VAL B 24 -13.22 -9.87 1.38
C VAL B 24 -14.66 -9.40 1.50
N ASN B 25 -14.95 -8.45 2.39
CA ASN B 25 -16.34 -8.03 2.57
C ASN B 25 -16.89 -7.30 1.34
N VAL B 26 -18.21 -7.26 1.21
CA VAL B 26 -18.88 -6.82 0.00
C VAL B 26 -18.50 -5.39 -0.35
N MET B 27 -18.38 -4.54 0.67
CA MET B 27 -18.07 -3.15 0.37
C MET B 27 -16.67 -3.04 -0.23
N LEU B 28 -15.70 -3.68 0.40
CA LEU B 28 -14.35 -3.67 -0.17
C LEU B 28 -14.30 -4.36 -1.54
N ARG B 29 -15.16 -5.34 -1.77
CA ARG B 29 -15.16 -6.00 -3.09
C ARG B 29 -15.62 -5.02 -4.16
N LYS B 30 -16.65 -4.24 -3.86
CA LYS B 30 -17.17 -3.30 -4.84
C LYS B 30 -16.15 -2.22 -5.12
N ILE B 31 -15.44 -1.80 -4.08
CA ILE B 31 -14.33 -0.85 -4.26
C ILE B 31 -13.26 -1.46 -5.18
N ALA B 32 -12.89 -2.73 -4.93
CA ALA B 32 -11.89 -3.39 -5.76
C ALA B 32 -12.36 -3.50 -7.21
N VAL B 33 -13.67 -3.67 -7.40
CA VAL B 33 -14.22 -3.67 -8.76
C VAL B 33 -14.04 -2.32 -9.46
N ALA B 34 -14.37 -1.22 -8.78
CA ALA B 34 -14.14 0.11 -9.35
C ALA B 34 -12.67 0.30 -9.68
N ALA B 35 -11.81 -0.12 -8.77
CA ALA B 35 -10.36 0.09 -8.86
C ALA B 35 -9.69 -0.79 -9.91
N ALA B 36 -10.42 -1.74 -10.46
CA ALA B 36 -9.85 -2.63 -11.47
C ALA B 36 -10.47 -2.35 -12.84
N SER B 37 -11.12 -1.20 -12.95
CA SER B 37 -11.65 -0.72 -14.23
C SER B 37 -10.52 -0.52 -15.24
N LYS B 38 -10.70 -1.04 -16.45
CA LYS B 38 -9.70 -0.89 -17.52
C LYS B 38 -8.29 -1.29 -17.07
N PRO B 39 -8.10 -2.58 -16.74
CA PRO B 39 -6.76 -3.03 -16.31
C PRO B 39 -5.81 -3.29 -17.48
N ALA B 40 -4.67 -2.60 -17.48
CA ALA B 40 -3.66 -2.75 -18.52
C ALA B 40 -2.43 -3.43 -17.95
N VAL B 41 -1.81 -4.29 -18.75
CA VAL B 41 -0.68 -5.06 -18.27
C VAL B 41 0.50 -4.81 -19.18
N GLU B 42 1.57 -4.25 -18.63
CA GLU B 42 2.80 -4.11 -19.40
C GLU B 42 3.79 -5.18 -18.99
N ILE B 43 4.33 -5.89 -19.98
CA ILE B 43 5.28 -6.93 -19.68
C ILE B 43 6.58 -6.67 -20.42
N LYS B 44 7.68 -6.73 -19.68
CA LYS B 44 9.02 -6.73 -20.28
C LYS B 44 9.66 -8.05 -19.89
N GLN B 45 9.83 -8.92 -20.87
CA GLN B 45 10.47 -10.20 -20.64
C GLN B 45 11.87 -10.20 -21.24
N GLU B 46 12.85 -10.61 -20.45
CA GLU B 46 14.21 -10.85 -20.94
C GLU B 46 14.57 -12.28 -20.59
N GLY B 47 14.21 -13.22 -21.45
CA GLY B 47 14.42 -14.62 -21.16
C GLY B 47 13.52 -15.08 -20.02
N ASP B 48 14.12 -15.51 -18.91
CA ASP B 48 13.36 -15.94 -17.74
C ASP B 48 13.13 -14.79 -16.75
N THR B 49 13.55 -13.60 -17.13
CA THR B 49 13.40 -12.45 -16.24
C THR B 49 12.23 -11.60 -16.69
N PHE B 50 11.36 -11.24 -15.74
CA PHE B 50 10.09 -10.58 -16.07
C PHE B 50 9.90 -9.34 -15.24
N TYR B 51 9.41 -8.31 -15.90
CA TYR B 51 8.86 -7.13 -15.26
C TYR B 51 7.41 -7.07 -15.69
N ILE B 52 6.48 -7.01 -14.75
CA ILE B 52 5.06 -6.93 -15.12
C ILE B 52 4.41 -5.78 -14.39
N LYS B 53 3.88 -4.83 -15.16
CA LYS B 53 3.22 -3.66 -14.59
C LYS B 53 1.74 -3.75 -14.87
N THR B 54 0.95 -3.78 -13.79
CA THR B 54 -0.49 -3.83 -13.93
C THR B 54 -1.06 -2.47 -13.59
N SER B 55 -1.63 -1.81 -14.59
CA SER B 55 -2.19 -0.48 -14.39
C SER B 55 -3.71 -0.52 -14.54
N THR B 56 -4.39 0.20 -13.65
CA THR B 56 -5.81 0.47 -13.82
C THR B 56 -5.99 1.98 -13.84
N THR B 57 -7.24 2.43 -13.87
CA THR B 57 -7.50 3.87 -13.92
C THR B 57 -7.14 4.57 -12.62
N VAL B 58 -6.93 3.81 -11.55
CA VAL B 58 -6.63 4.39 -10.24
C VAL B 58 -5.24 4.05 -9.69
N ARG B 59 -4.75 2.86 -10.02
CA ARG B 59 -3.56 2.34 -9.35
C ARG B 59 -2.62 1.57 -10.30
N THR B 60 -1.35 1.52 -9.92
CA THR B 60 -0.35 0.81 -10.71
C THR B 60 0.53 -0.04 -9.81
N THR B 61 0.62 -1.33 -10.13
CA THR B 61 1.48 -2.26 -9.40
C THR B 61 2.52 -2.86 -10.33
N GLU B 62 3.68 -3.19 -9.76
CA GLU B 62 4.81 -3.75 -10.51
C GLU B 62 5.38 -4.95 -9.77
N ILE B 63 5.63 -6.04 -10.50
CA ILE B 63 6.47 -7.11 -9.95
C ILE B 63 7.65 -7.35 -10.86
N ASN B 64 8.74 -7.82 -10.26
CA ASN B 64 9.93 -8.25 -10.96
C ASN B 64 10.28 -9.63 -10.42
N PHE B 65 10.48 -10.59 -11.31
CA PHE B 65 10.87 -11.92 -10.88
C PHE B 65 11.69 -12.62 -11.95
N LYS B 66 12.42 -13.64 -11.54
CA LYS B 66 13.05 -14.58 -12.47
C LYS B 66 12.39 -15.93 -12.25
N VAL B 67 11.98 -16.59 -13.33
CA VAL B 67 11.42 -17.92 -13.24
C VAL B 67 12.40 -18.78 -12.44
N GLY B 68 11.87 -19.47 -11.44
CA GLY B 68 12.66 -20.38 -10.63
C GLY B 68 13.31 -19.74 -9.43
N GLU B 69 13.15 -18.42 -9.27
CA GLU B 69 13.67 -17.76 -8.08
C GLU B 69 12.55 -17.15 -7.25
N GLU B 70 12.50 -17.53 -5.99
CA GLU B 70 11.51 -17.01 -5.05
C GLU B 70 11.54 -15.48 -4.97
N PHE B 71 10.36 -14.89 -4.92
CA PHE B 71 10.24 -13.46 -4.77
C PHE B 71 9.06 -13.10 -3.88
N GLU B 72 9.01 -11.86 -3.42
CA GLU B 72 7.90 -11.45 -2.55
C GLU B 72 6.89 -10.59 -3.30
N GLU B 73 5.61 -10.91 -3.16
CA GLU B 73 4.56 -10.04 -3.69
C GLU B 73 3.36 -10.05 -2.74
N GLN B 74 2.18 -9.77 -3.29
CA GLN B 74 0.98 -9.85 -2.47
C GLN B 74 -0.04 -10.79 -3.11
N THR B 75 -0.88 -11.40 -2.28
CA THR B 75 -2.01 -12.14 -2.82
C THR B 75 -3.00 -11.15 -3.44
N VAL B 76 -4.01 -11.68 -4.15
CA VAL B 76 -4.97 -10.80 -4.79
CA VAL B 76 -5.02 -10.83 -4.80
C VAL B 76 -5.77 -9.99 -3.78
N ASP B 77 -5.93 -10.53 -2.57
CA ASP B 77 -6.63 -9.84 -1.51
C ASP B 77 -5.69 -9.00 -0.63
N GLY B 78 -4.43 -8.87 -1.06
CA GLY B 78 -3.49 -7.95 -0.44
C GLY B 78 -2.59 -8.49 0.67
N ARG B 79 -2.53 -9.80 0.84
CA ARG B 79 -1.66 -10.38 1.86
C ARG B 79 -0.25 -10.66 1.34
N PRO B 80 0.78 -10.23 2.11
CA PRO B 80 2.17 -10.47 1.66
C PRO B 80 2.42 -11.96 1.49
N CYS B 81 3.11 -12.35 0.41
CA CYS B 81 3.39 -13.76 0.17
C CYS B 81 4.74 -13.95 -0.51
N LYS B 82 5.26 -15.17 -0.44
CA LYS B 82 6.46 -15.55 -1.19
C LYS B 82 5.99 -16.35 -2.42
N SER B 83 6.44 -15.94 -3.60
CA SER B 83 5.99 -16.57 -4.83
C SER B 83 7.13 -17.30 -5.56
N LEU B 84 6.79 -18.36 -6.29
CA LEU B 84 7.76 -19.04 -7.14
C LEU B 84 7.10 -19.40 -8.48
N VAL B 85 7.66 -18.89 -9.57
CA VAL B 85 7.12 -19.15 -10.90
C VAL B 85 7.98 -20.23 -11.59
N LYS B 86 7.30 -21.16 -12.26
CA LYS B 86 7.96 -22.19 -13.06
C LYS B 86 7.24 -22.28 -14.41
N TRP B 87 7.98 -22.66 -15.44
CA TRP B 87 7.38 -22.93 -16.74
C TRP B 87 6.61 -24.25 -16.73
N GLU B 88 5.32 -24.19 -17.06
CA GLU B 88 4.51 -25.40 -17.16
C GLU B 88 4.64 -25.99 -18.56
N SER B 89 4.83 -25.11 -19.53
CA SER B 89 4.99 -25.52 -20.91
C SER B 89 5.82 -24.46 -21.58
N GLU B 90 5.93 -24.53 -22.90
CA GLU B 90 6.76 -23.59 -23.61
C GLU B 90 6.22 -22.16 -23.53
N ASN B 91 4.92 -22.00 -23.37
CA ASN B 91 4.37 -20.65 -23.23
C ASN B 91 3.33 -20.47 -22.13
N LYS B 92 3.42 -21.27 -21.07
CA LYS B 92 2.60 -21.04 -19.90
C LYS B 92 3.44 -21.14 -18.64
N MET B 93 3.29 -20.16 -17.76
CA MET B 93 3.98 -20.17 -16.49
C MET B 93 2.96 -20.28 -15.36
N VAL B 94 3.39 -20.86 -14.24
CA VAL B 94 2.51 -21.07 -13.11
CA VAL B 94 2.52 -21.10 -13.10
C VAL B 94 3.22 -20.63 -11.83
N CYS B 95 2.49 -19.94 -10.98
CA CYS B 95 3.08 -19.38 -9.79
C CYS B 95 2.41 -19.92 -8.56
N GLU B 96 3.20 -20.54 -7.68
CA GLU B 96 2.67 -20.99 -6.39
C GLU B 96 3.02 -19.94 -5.36
N GLN B 97 2.12 -19.76 -4.39
CA GLN B 97 2.26 -18.69 -3.42
C GLN B 97 2.18 -19.28 -2.01
N LYS B 98 2.97 -18.76 -1.09
CA LYS B 98 2.86 -19.12 0.33
C LYS B 98 2.88 -17.88 1.21
N LEU B 99 1.90 -17.73 2.09
CA LEU B 99 1.84 -16.53 2.93
C LEU B 99 3.11 -16.35 3.78
N LEU B 100 3.56 -15.11 3.89
CA LEU B 100 4.72 -14.80 4.73
C LEU B 100 4.39 -15.10 6.19
N LYS B 101 3.21 -14.69 6.61
CA LYS B 101 2.76 -14.87 7.98
C LYS B 101 1.38 -15.50 7.97
N GLY B 102 1.17 -16.48 8.84
CA GLY B 102 -0.15 -17.06 9.00
C GLY B 102 -0.52 -18.11 7.97
N GLU B 103 -1.80 -18.43 7.90
CA GLU B 103 -2.29 -19.46 7.01
C GLU B 103 -3.55 -18.94 6.32
N GLY B 104 -3.91 -19.59 5.22
CA GLY B 104 -5.05 -19.15 4.42
C GLY B 104 -5.35 -20.13 3.32
N PRO B 105 -6.33 -19.78 2.47
CA PRO B 105 -6.65 -20.60 1.30
C PRO B 105 -5.41 -20.70 0.40
N LYS B 106 -5.31 -21.78 -0.35
CA LYS B 106 -4.23 -21.93 -1.33
C LYS B 106 -4.47 -21.01 -2.53
N THR B 107 -3.51 -20.14 -2.82
CA THR B 107 -3.66 -19.22 -3.94
C THR B 107 -2.55 -19.46 -4.98
N SER B 108 -2.85 -19.17 -6.23
CA SER B 108 -1.89 -19.35 -7.29
C SER B 108 -2.30 -18.50 -8.48
N TRP B 109 -1.42 -18.38 -9.46
CA TRP B 109 -1.75 -17.68 -10.69
C TRP B 109 -0.99 -18.27 -11.87
N THR B 110 -1.53 -18.08 -13.07
CA THR B 110 -0.88 -18.55 -14.28
C THR B 110 -0.89 -17.45 -15.32
N LEU B 111 0.04 -17.50 -16.26
CA LEU B 111 -0.02 -16.64 -17.43
C LEU B 111 0.36 -17.48 -18.64
N GLU B 112 -0.43 -17.35 -19.70
CA GLU B 112 -0.22 -18.15 -20.90
C GLU B 112 -0.38 -17.29 -22.13
N LEU B 113 0.54 -17.47 -23.10
CA LEU B 113 0.41 -16.88 -24.41
C LEU B 113 -0.09 -17.94 -25.38
N THR B 114 -1.28 -17.74 -25.96
CA THR B 114 -1.81 -18.72 -26.91
C THR B 114 -1.18 -18.55 -28.31
N ASN B 115 -1.46 -19.51 -29.19
CA ASN B 115 -0.92 -19.46 -30.54
C ASN B 115 -1.51 -18.31 -31.34
N ASP B 116 -2.80 -18.04 -31.15
CA ASP B 116 -3.41 -16.89 -31.79
C ASP B 116 -3.24 -15.61 -30.96
N GLY B 117 -2.12 -15.52 -30.24
CA GLY B 117 -1.67 -14.28 -29.62
C GLY B 117 -2.41 -13.70 -28.42
N GLU B 118 -3.27 -14.49 -27.78
CA GLU B 118 -3.99 -13.99 -26.59
C GLU B 118 -3.20 -14.31 -25.31
N LEU B 119 -3.27 -13.41 -24.34
CA LEU B 119 -2.62 -13.63 -23.06
C LEU B 119 -3.70 -14.04 -22.06
N ILE B 120 -3.57 -15.22 -21.48
CA ILE B 120 -4.57 -15.67 -20.52
C ILE B 120 -3.99 -15.62 -19.12
N ASP B 121 -4.66 -14.89 -18.24
CA ASP B 121 -4.22 -14.71 -16.88
C ASP B 121 -5.25 -15.36 -15.96
N THR B 122 -4.82 -16.35 -15.19
CA THR B 122 -5.75 -16.93 -14.23
C THR B 122 -5.23 -16.72 -12.82
N MET B 123 -6.17 -16.59 -11.88
CA MET B 123 -5.86 -16.51 -10.46
C MET B 123 -6.81 -17.48 -9.79
N THR B 124 -6.29 -18.27 -8.86
CA THR B 124 -7.09 -19.32 -8.25
C THR B 124 -7.02 -19.19 -6.75
N ALA B 125 -8.16 -19.34 -6.08
CA ALA B 125 -8.19 -19.38 -4.62
C ALA B 125 -9.05 -20.58 -4.32
N ASP B 126 -8.45 -21.54 -3.60
CA ASP B 126 -9.05 -22.85 -3.42
C ASP B 126 -9.72 -23.34 -4.71
N ASP B 127 -11.05 -23.25 -4.72
CA ASP B 127 -11.90 -23.80 -5.77
C ASP B 127 -12.18 -22.83 -6.93
N VAL B 128 -12.07 -21.53 -6.67
CA VAL B 128 -12.56 -20.51 -7.61
C VAL B 128 -11.45 -20.05 -8.55
N VAL B 129 -11.78 -19.89 -9.83
CA VAL B 129 -10.80 -19.42 -10.83
C VAL B 129 -11.28 -18.16 -11.52
N CYS B 130 -10.48 -17.10 -11.42
CA CYS B 130 -10.71 -15.86 -12.13
C CYS B 130 -9.86 -15.87 -13.39
N THR B 131 -10.48 -15.65 -14.55
CA THR B 131 -9.76 -15.66 -15.81
C THR B 131 -9.90 -14.30 -16.52
N LYS B 132 -8.77 -13.71 -16.88
CA LYS B 132 -8.77 -12.47 -17.65
C LYS B 132 -8.00 -12.74 -18.93
N VAL B 133 -8.54 -12.27 -20.07
CA VAL B 133 -7.89 -12.47 -21.34
C VAL B 133 -7.53 -11.11 -21.97
N TYR B 134 -6.32 -11.02 -22.50
CA TYR B 134 -5.81 -9.78 -23.10
C TYR B 134 -5.32 -10.02 -24.52
N VAL B 135 -5.34 -8.98 -25.33
CA VAL B 135 -4.72 -9.01 -26.64
C VAL B 135 -3.60 -7.97 -26.66
N ARG B 136 -2.64 -8.14 -27.57
CA ARG B 136 -1.50 -7.24 -27.63
C ARG B 136 -1.92 -5.96 -28.33
N GLU B 137 -1.60 -4.83 -27.74
CA GLU B 137 -1.98 -3.56 -28.34
C GLU B 137 -0.94 -3.10 -29.35
#